data_2G81
#
_entry.id   2G81
#
_cell.length_a   60.497
_cell.length_b   61.109
_cell.length_c   79.264
_cell.angle_alpha   90.00
_cell.angle_beta   90.00
_cell.angle_gamma   90.00
#
_symmetry.space_group_name_H-M   'P 21 21 21'
#
loop_
_entity.id
_entity.type
_entity.pdbx_description
1 polymer 'Cationic trypsin'
2 polymer 'Bowman-Birk type seed trypsin and chymotrypsin inhibitor'
3 non-polymer 'CALCIUM ION'
4 non-polymer 'SULFATE ION'
5 non-polymer 'TRIETHYLENE GLYCOL'
6 non-polymer 1,2-ETHANEDIOL
7 non-polymer 'ACETIC ACID'
8 non-polymer 'HEXAETHYLENE GLYCOL'
9 water water
#
loop_
_entity_poly.entity_id
_entity_poly.type
_entity_poly.pdbx_seq_one_letter_code
_entity_poly.pdbx_strand_id
1 'polypeptide(L)'
;IVGGYTCGANTVPYQVSLNSGYHFCGGSLINSQWVVSAAHCYKSGIQVRLGEDNINVVEGNEQFISASKSIVHPSYNSNT
LNNDIMLIKLKSAASLNSRVASISLPTSCASAGTQCLISGWGNTKSSGTSYPDVLKCLKAPILSDSSCKSAYPGQITSNM
FCAGYLEGGKDSCQGDSGGPVVCSGKLQGIVSWGSGCAQKNKPGVYTKVCNYVSWIKQTIASN
;
E
2 'polypeptide(L)'
;SGHHEDSTDEASESSKPCCDRCECTKSIPPQCRCSDVRLNSCHSACKSCACTFSIPAQCFCGDINDFCYKPCKSSHSDDD
DWN
;
I
#
loop_
_chem_comp.id
_chem_comp.type
_chem_comp.name
_chem_comp.formula
ACY non-polymer 'ACETIC ACID' 'C2 H4 O2'
CA non-polymer 'CALCIUM ION' 'Ca 2'
EDO non-polymer 1,2-ETHANEDIOL 'C2 H6 O2'
P6G non-polymer 'HEXAETHYLENE GLYCOL' 'C12 H26 O7'
PGE non-polymer 'TRIETHYLENE GLYCOL' 'C6 H14 O4'
SO4 non-polymer 'SULFATE ION' 'O4 S -2'
#
# COMPACT_ATOMS: atom_id res chain seq x y z
N ILE A 1 3.91 5.38 8.42
CA ILE A 1 4.98 4.44 8.83
C ILE A 1 5.07 4.50 10.34
N VAL A 2 4.94 3.34 10.97
CA VAL A 2 5.04 3.24 12.43
C VAL A 2 6.40 2.69 12.72
N GLY A 3 7.09 3.33 13.66
CA GLY A 3 8.35 2.78 14.17
C GLY A 3 9.50 3.07 13.23
N GLY A 4 9.30 4.00 12.30
CA GLY A 4 10.33 4.35 11.34
C GLY A 4 11.10 5.57 11.78
N TYR A 5 11.77 6.19 10.83
CA TYR A 5 12.58 7.34 11.14
C TYR A 5 12.37 8.36 10.06
N THR A 6 12.66 9.61 10.39
CA THR A 6 12.61 10.67 9.39
C THR A 6 13.65 10.40 8.32
N CYS A 7 13.20 10.22 7.09
CA CYS A 7 14.11 9.85 6.00
C CYS A 7 15.19 10.89 5.82
N GLY A 8 14.78 12.15 5.82
CA GLY A 8 15.63 13.25 5.40
C GLY A 8 15.13 13.75 4.09
N ALA A 9 15.11 15.07 3.92
CA ALA A 9 14.50 15.64 2.74
C ALA A 9 15.04 15.08 1.45
N ASN A 10 14.13 14.55 0.63
CA ASN A 10 14.43 14.09 -0.71
C ASN A 10 15.44 12.97 -0.79
N THR A 11 15.58 12.24 0.32
CA THR A 11 16.48 11.10 0.35
C THR A 11 15.82 9.87 -0.30
N VAL A 12 14.52 9.97 -0.58
CA VAL A 12 13.79 8.88 -1.25
C VAL A 12 13.16 9.53 -2.48
N PRO A 13 13.98 9.84 -3.48
CA PRO A 13 13.53 10.76 -4.51
C PRO A 13 12.47 10.23 -5.46
N TYR A 14 12.20 8.92 -5.36
CA TYR A 14 11.20 8.27 -6.19
C TYR A 14 9.86 8.22 -5.46
N GLN A 15 9.86 8.61 -4.18
CA GLN A 15 8.59 8.62 -3.43
C GLN A 15 7.75 9.79 -3.85
N VAL A 16 6.51 9.53 -4.22
CA VAL A 16 5.58 10.62 -4.48
C VAL A 16 4.41 10.55 -3.52
N SER A 17 3.76 11.69 -3.38
CA SER A 17 2.52 11.78 -2.63
C SER A 17 1.40 11.92 -3.66
N LEU A 18 0.35 11.13 -3.48
CA LEU A 18 -0.85 11.29 -4.29
C LEU A 18 -1.80 12.14 -3.51
N ASN A 19 -2.22 13.24 -4.13
CA ASN A 19 -2.96 14.23 -3.40
C ASN A 19 -4.24 14.50 -4.14
N SER A 20 -5.37 14.33 -3.46
CA SER A 20 -6.65 14.66 -4.04
C SER A 20 -7.41 15.21 -2.86
N GLY A 21 -7.28 16.52 -2.69
CA GLY A 21 -7.81 17.18 -1.51
C GLY A 21 -6.78 17.11 -0.41
N TYR A 22 -6.32 15.88 -0.13
CA TYR A 22 -5.32 15.64 0.89
C TYR A 22 -4.41 14.53 0.40
N HIS A 23 -3.33 14.32 1.12
CA HIS A 23 -2.49 13.19 0.83
C HIS A 23 -3.22 11.93 1.22
N PHE A 24 -3.36 11.00 0.29
CA PHE A 24 -4.16 9.83 0.60
C PHE A 24 -3.49 8.49 0.29
N CYS A 25 -2.38 8.56 -0.43
CA CYS A 25 -1.63 7.37 -0.83
C CYS A 25 -0.27 7.87 -1.30
N GLY A 26 0.66 6.94 -1.36
CA GLY A 26 1.95 7.24 -1.97
C GLY A 26 2.03 6.56 -3.32
N GLY A 27 3.20 6.68 -3.93
CA GLY A 27 3.49 6.03 -5.18
C GLY A 27 4.97 6.10 -5.41
N SER A 28 5.41 5.43 -6.46
CA SER A 28 6.83 5.39 -6.78
C SER A 28 7.01 5.82 -8.20
N LEU A 29 7.90 6.78 -8.40
CA LEU A 29 8.19 7.22 -9.76
C LEU A 29 9.05 6.19 -10.46
N ILE A 30 8.60 5.70 -11.61
CA ILE A 30 9.40 4.70 -12.30
C ILE A 30 10.00 5.18 -13.61
N ASN A 31 9.48 6.27 -14.14
CA ASN A 31 10.23 7.07 -15.12
C ASN A 31 9.68 8.47 -15.09
N SER A 32 10.11 9.34 -16.00
CA SER A 32 9.69 10.73 -15.88
C SER A 32 8.19 10.95 -16.01
N GLN A 33 7.47 9.99 -16.58
CA GLN A 33 6.05 10.23 -16.80
C GLN A 33 5.14 9.21 -16.12
N TRP A 34 5.73 8.29 -15.37
CA TRP A 34 4.91 7.21 -14.82
C TRP A 34 5.20 6.92 -13.37
N VAL A 35 4.11 6.72 -12.64
CA VAL A 35 4.17 6.38 -11.23
C VAL A 35 3.46 5.05 -11.04
N VAL A 36 4.03 4.22 -10.17
CA VAL A 36 3.40 2.97 -9.74
CA VAL A 36 3.32 3.01 -9.78
C VAL A 36 2.75 3.21 -8.39
N SER A 37 1.50 2.79 -8.25
CA SER A 37 0.87 2.88 -6.94
C SER A 37 -0.02 1.66 -6.80
N ALA A 38 -0.86 1.66 -5.75
CA ALA A 38 -1.80 0.56 -5.57
C ALA A 38 -3.07 0.86 -6.33
N ALA A 39 -3.72 -0.19 -6.83
CA ALA A 39 -5.01 -0.02 -7.50
C ALA A 39 -6.03 0.56 -6.58
N HIS A 40 -5.96 0.21 -5.30
CA HIS A 40 -6.97 0.73 -4.38
C HIS A 40 -6.76 2.22 -4.09
N CYS A 41 -5.67 2.78 -4.61
CA CYS A 41 -5.41 4.20 -4.46
C CYS A 41 -6.04 5.00 -5.60
N TYR A 42 -6.73 4.32 -6.52
CA TYR A 42 -7.40 5.09 -7.55
C TYR A 42 -8.39 6.07 -6.89
N LYS A 43 -8.32 7.33 -7.30
CA LYS A 43 -9.22 8.37 -6.78
CA LYS A 43 -9.21 8.38 -6.78
C LYS A 43 -9.36 9.42 -7.87
N SER A 44 -10.49 10.10 -7.89
CA SER A 44 -10.62 11.22 -8.81
C SER A 44 -9.68 12.35 -8.40
N GLY A 45 -9.26 13.14 -9.39
CA GLY A 45 -8.56 14.37 -9.15
C GLY A 45 -7.18 14.26 -8.57
N ILE A 46 -6.46 13.19 -8.93
CA ILE A 46 -5.15 13.00 -8.33
C ILE A 46 -4.15 13.97 -8.90
N GLN A 47 -3.46 14.63 -7.98
CA GLN A 47 -2.30 15.40 -8.32
C GLN A 47 -1.13 14.66 -7.71
N VAL A 48 -0.13 14.43 -8.53
CA VAL A 48 1.05 13.77 -8.05
C VAL A 48 2.01 14.81 -7.57
N ARG A 49 2.52 14.62 -6.35
CA ARG A 49 3.43 15.58 -5.77
C ARG A 49 4.76 14.92 -5.59
N LEU A 50 5.71 15.36 -6.39
CA LEU A 50 7.05 14.82 -6.41
C LEU A 50 7.98 15.79 -5.69
N GLY A 51 9.12 15.28 -5.25
CA GLY A 51 10.09 16.11 -4.56
C GLY A 51 9.61 16.60 -3.22
N GLU A 52 8.62 15.94 -2.65
CA GLU A 52 8.12 16.37 -1.35
C GLU A 52 8.95 15.84 -0.21
N ASP A 53 9.04 16.67 0.83
CA ASP A 53 9.43 16.17 2.13
C ASP A 53 8.35 16.51 3.13
N ASN A 54 8.27 17.80 3.50
CA ASN A 54 7.18 18.24 4.32
C ASN A 54 5.97 18.47 3.43
N ILE A 55 4.99 17.58 3.47
CA ILE A 55 3.89 17.70 2.52
C ILE A 55 2.93 18.83 2.85
N ASN A 56 3.17 19.51 3.98
CA ASN A 56 2.32 20.60 4.40
C ASN A 56 2.96 21.96 4.22
N VAL A 57 4.16 21.98 3.65
CA VAL A 57 4.88 23.24 3.46
C VAL A 57 5.57 23.15 2.11
N VAL A 58 5.45 24.21 1.30
CA VAL A 58 6.16 24.26 0.05
C VAL A 58 7.59 24.60 0.40
N GLU A 59 8.48 23.66 0.12
CA GLU A 59 9.86 23.82 0.51
CA GLU A 59 9.87 23.79 0.50
C GLU A 59 10.76 24.21 -0.66
N GLY A 60 10.24 24.06 -1.87
CA GLY A 60 10.95 24.58 -3.04
C GLY A 60 11.45 23.56 -4.03
N ASN A 61 11.39 22.28 -3.67
CA ASN A 61 11.84 21.23 -4.60
C ASN A 61 10.72 20.37 -5.16
N GLU A 62 9.48 20.75 -4.84
CA GLU A 62 8.35 19.97 -5.31
C GLU A 62 8.06 20.16 -6.76
N GLN A 63 7.46 19.14 -7.37
CA GLN A 63 6.82 19.31 -8.65
C GLN A 63 5.44 18.76 -8.48
N PHE A 64 4.43 19.54 -8.83
CA PHE A 64 3.05 19.12 -8.69
C PHE A 64 2.57 18.87 -10.10
N ILE A 65 2.23 17.63 -10.41
CA ILE A 65 1.81 17.31 -11.75
C ILE A 65 0.55 16.50 -11.71
N SER A 66 -0.45 16.93 -12.46
CA SER A 66 -1.72 16.22 -12.46
C SER A 66 -1.55 14.85 -13.06
N ALA A 67 -2.25 13.88 -12.51
CA ALA A 67 -2.28 12.56 -13.11
C ALA A 67 -3.17 12.69 -14.33
N SER A 68 -2.74 12.10 -15.44
CA SER A 68 -3.52 12.16 -16.66
C SER A 68 -4.20 10.84 -16.99
N LYS A 69 -3.52 9.72 -16.74
CA LYS A 69 -4.13 8.42 -17.01
C LYS A 69 -3.95 7.53 -15.82
N SER A 70 -4.99 6.80 -15.45
CA SER A 70 -4.87 5.73 -14.47
C SER A 70 -4.99 4.44 -15.23
N ILE A 71 -4.08 3.50 -14.99
CA ILE A 71 -4.23 2.19 -15.57
C ILE A 71 -4.14 1.19 -14.44
N VAL A 72 -5.32 0.78 -14.00
CA VAL A 72 -5.40 -0.20 -12.94
C VAL A 72 -5.18 -1.56 -13.57
N HIS A 73 -4.46 -2.43 -12.87
CA HIS A 73 -4.22 -3.73 -13.42
C HIS A 73 -5.53 -4.40 -13.83
N PRO A 74 -5.55 -5.04 -15.02
CA PRO A 74 -6.82 -5.55 -15.52
C PRO A 74 -7.42 -6.65 -14.65
N SER A 75 -6.59 -7.30 -13.84
CA SER A 75 -7.04 -8.37 -12.95
C SER A 75 -7.18 -7.89 -11.50
N TYR A 76 -7.06 -6.60 -11.26
CA TYR A 76 -7.28 -6.13 -9.89
C TYR A 76 -8.63 -6.56 -9.40
N ASN A 77 -8.65 -7.16 -8.23
CA ASN A 77 -9.90 -7.58 -7.63
C ASN A 77 -10.00 -6.92 -6.27
N SER A 78 -10.93 -5.99 -6.12
CA SER A 78 -11.07 -5.32 -4.83
C SER A 78 -11.58 -6.30 -3.76
N ASN A 79 -12.13 -7.42 -4.16
CA ASN A 79 -12.63 -8.41 -3.19
C ASN A 79 -11.49 -9.09 -2.46
N THR A 80 -10.31 -9.11 -3.11
CA THR A 80 -9.19 -9.88 -2.58
C THR A 80 -7.93 -9.04 -2.47
N LEU A 81 -7.95 -7.87 -3.07
CA LEU A 81 -6.77 -7.03 -3.25
C LEU A 81 -5.69 -7.72 -4.07
N ASN A 82 -6.07 -8.76 -4.79
CA ASN A 82 -5.10 -9.39 -5.68
C ASN A 82 -4.83 -8.44 -6.85
N ASN A 83 -3.58 -8.38 -7.28
CA ASN A 83 -3.19 -7.50 -8.39
C ASN A 83 -3.40 -6.03 -8.04
N ASP A 84 -3.02 -5.66 -6.83
CA ASP A 84 -3.21 -4.32 -6.32
C ASP A 84 -2.12 -3.40 -6.81
N ILE A 85 -2.19 -3.09 -8.09
CA ILE A 85 -1.18 -2.26 -8.71
C ILE A 85 -1.86 -1.42 -9.77
N MET A 86 -1.39 -0.19 -9.85
CA MET A 86 -1.96 0.78 -10.79
C MET A 86 -0.82 1.61 -11.30
N LEU A 87 -0.86 1.94 -12.58
CA LEU A 87 0.07 2.89 -13.15
C LEU A 87 -0.63 4.21 -13.30
N ILE A 88 0.10 5.28 -13.01
CA ILE A 88 -0.41 6.63 -13.16
C ILE A 88 0.49 7.33 -14.12
N LYS A 89 -0.08 7.80 -15.23
CA LYS A 89 0.73 8.61 -16.14
C LYS A 89 0.57 10.06 -15.75
N LEU A 90 1.69 10.76 -15.70
CA LEU A 90 1.67 12.18 -15.38
C LEU A 90 1.29 12.97 -16.63
N LYS A 91 0.59 14.07 -16.42
CA LYS A 91 0.16 14.92 -17.54
C LYS A 91 1.34 15.47 -18.32
N SER A 92 2.42 15.76 -17.60
CA SER A 92 3.65 16.19 -18.23
C SER A 92 4.77 15.45 -17.53
N ALA A 93 5.90 15.31 -18.19
CA ALA A 93 7.02 14.61 -17.60
C ALA A 93 7.60 15.40 -16.43
N ALA A 94 7.92 14.69 -15.35
CA ALA A 94 8.63 15.29 -14.24
C ALA A 94 10.04 15.63 -14.69
N SER A 95 10.61 16.65 -14.07
CA SER A 95 12.01 16.98 -14.28
CA SER A 95 12.01 16.98 -14.29
C SER A 95 12.84 16.17 -13.32
N LEU A 96 13.67 15.29 -13.84
CA LEU A 96 14.47 14.41 -12.99
C LEU A 96 15.84 15.00 -12.67
N ASN A 97 16.18 14.88 -11.39
N ASN A 97 16.27 14.87 -11.41
CA ASN A 97 17.33 15.50 -10.74
CA ASN A 97 17.67 15.09 -10.99
C ASN A 97 17.57 14.74 -9.44
C ASN A 97 18.03 14.43 -9.63
N SER A 98 18.54 15.20 -8.66
CA SER A 98 18.88 14.61 -7.36
C SER A 98 17.66 14.29 -6.47
N ARG A 99 16.70 15.22 -6.47
CA ARG A 99 15.60 15.18 -5.53
C ARG A 99 14.36 14.53 -6.09
N VAL A 100 14.31 14.37 -7.42
CA VAL A 100 13.22 13.66 -8.06
C VAL A 100 13.87 12.68 -8.99
N ALA A 101 13.65 11.40 -8.76
CA ALA A 101 14.34 10.38 -9.52
C ALA A 101 13.48 9.15 -9.57
N SER A 102 13.67 8.36 -10.60
CA SER A 102 12.92 7.13 -10.74
C SER A 102 13.59 6.01 -9.97
N ILE A 103 12.80 4.99 -9.67
CA ILE A 103 13.30 3.78 -9.06
C ILE A 103 13.16 2.66 -10.07
N SER A 104 14.19 1.83 -10.14
CA SER A 104 14.22 0.71 -11.08
CA SER A 104 14.21 0.73 -11.09
C SER A 104 13.21 -0.35 -10.73
N LEU A 105 12.62 -0.95 -11.76
CA LEU A 105 11.79 -2.14 -11.62
C LEU A 105 12.70 -3.33 -11.43
N PRO A 106 12.22 -4.35 -10.70
CA PRO A 106 13.06 -5.53 -10.46
C PRO A 106 13.20 -6.39 -11.71
N THR A 107 14.34 -7.07 -11.82
CA THR A 107 14.50 -8.05 -12.89
C THR A 107 14.20 -9.44 -12.33
N SER A 108 14.30 -9.59 -11.02
CA SER A 108 13.90 -10.83 -10.40
C SER A 108 13.19 -10.51 -9.11
N CYS A 109 12.41 -11.47 -8.63
CA CYS A 109 11.69 -11.31 -7.40
C CYS A 109 12.62 -11.33 -6.20
N ALA A 110 12.22 -10.64 -5.15
CA ALA A 110 12.96 -10.71 -3.91
C ALA A 110 12.34 -11.88 -3.17
N SER A 111 12.95 -12.30 -2.09
CA SER A 111 12.33 -13.38 -1.34
C SER A 111 12.55 -13.13 0.13
N ALA A 112 12.10 -14.06 0.95
CA ALA A 112 12.19 -13.89 2.38
C ALA A 112 13.59 -13.52 2.80
N GLY A 113 13.69 -12.56 3.70
CA GLY A 113 14.97 -12.15 4.23
C GLY A 113 15.56 -10.96 3.52
N THR A 114 15.00 -10.62 2.37
CA THR A 114 15.47 -9.44 1.64
C THR A 114 15.16 -8.21 2.48
N GLN A 115 16.16 -7.35 2.65
CA GLN A 115 16.00 -6.13 3.43
C GLN A 115 15.58 -5.00 2.53
N CYS A 116 14.52 -4.30 2.94
CA CYS A 116 13.93 -3.29 2.11
C CYS A 116 13.73 -2.00 2.86
N LEU A 117 13.45 -0.95 2.08
CA LEU A 117 13.14 0.36 2.60
C LEU A 117 11.72 0.69 2.21
N ILE A 118 10.91 0.94 3.23
CA ILE A 118 9.50 1.26 3.03
C ILE A 118 9.35 2.69 3.47
N SER A 119 8.58 3.48 2.73
CA SER A 119 8.51 4.90 3.09
C SER A 119 7.13 5.45 2.84
N GLY A 120 6.83 6.56 3.51
CA GLY A 120 5.54 7.18 3.29
C GLY A 120 5.20 8.21 4.34
N TRP A 121 4.10 8.91 4.09
CA TRP A 121 3.60 9.92 5.03
C TRP A 121 2.39 9.40 5.80
N GLY A 122 2.29 8.08 5.91
CA GLY A 122 1.20 7.48 6.65
C GLY A 122 1.28 7.66 8.14
N ASN A 123 0.24 7.18 8.79
CA ASN A 123 0.12 7.26 10.24
C ASN A 123 1.37 6.67 10.89
N THR A 124 1.83 7.34 11.96
CA THR A 124 3.00 6.86 12.67
C THR A 124 2.62 6.18 13.99
N LYS A 125 1.34 6.05 14.27
CA LYS A 125 0.90 5.37 15.48
C LYS A 125 0.20 4.07 15.16
N SER A 126 0.51 3.06 15.96
CA SER A 126 -0.13 1.77 15.85
CA SER A 126 -0.13 1.76 15.85
C SER A 126 -1.52 1.81 16.47
N SER A 127 -1.67 2.66 17.47
CA SER A 127 -2.95 2.84 18.11
C SER A 127 -3.21 4.32 18.08
N GLY A 128 -4.29 4.70 17.43
CA GLY A 128 -4.59 6.11 17.28
C GLY A 128 -4.01 6.62 15.99
N THR A 129 -3.89 7.94 15.89
CA THR A 129 -3.50 8.56 14.64
C THR A 129 -2.55 9.69 14.88
N SER A 130 -1.47 9.72 14.10
CA SER A 130 -0.60 10.87 14.09
C SER A 130 -0.01 10.90 12.72
N TYR A 131 -0.23 12.00 12.01
CA TYR A 131 0.21 12.06 10.63
C TYR A 131 1.39 12.99 10.53
N PRO A 132 2.48 12.50 9.97
CA PRO A 132 3.68 13.30 10.01
C PRO A 132 3.66 14.38 8.95
N ASP A 133 4.48 15.40 9.16
CA ASP A 133 4.69 16.37 8.11
C ASP A 133 5.68 15.86 7.09
N VAL A 134 6.74 15.20 7.58
CA VAL A 134 7.82 14.83 6.69
C VAL A 134 7.83 13.34 6.42
N LEU A 135 8.55 12.95 5.38
CA LEU A 135 8.56 11.57 4.94
C LEU A 135 9.25 10.68 5.96
N LYS A 136 8.62 9.54 6.22
CA LYS A 136 9.17 8.55 7.13
C LYS A 136 9.62 7.31 6.39
N CYS A 137 10.62 6.65 6.96
CA CYS A 137 11.30 5.53 6.37
C CYS A 137 11.35 4.40 7.35
N LEU A 138 11.37 3.20 6.81
CA LEU A 138 11.41 2.00 7.65
C LEU A 138 12.20 0.95 6.93
N LYS A 139 13.21 0.40 7.62
CA LYS A 139 13.91 -0.73 7.07
C LYS A 139 13.18 -1.96 7.56
N ALA A 140 12.83 -2.84 6.63
CA ALA A 140 12.06 -4.02 6.97
C ALA A 140 12.41 -5.15 6.04
N PRO A 141 12.45 -6.36 6.59
CA PRO A 141 12.69 -7.51 5.72
C PRO A 141 11.41 -8.10 5.17
N ILE A 142 11.54 -8.74 4.01
CA ILE A 142 10.46 -9.58 3.50
C ILE A 142 10.39 -10.82 4.38
N LEU A 143 9.18 -11.22 4.73
CA LEU A 143 9.00 -12.37 5.61
C LEU A 143 8.63 -13.60 4.83
N SER A 144 8.93 -14.74 5.44
CA SER A 144 8.49 -16.01 4.95
C SER A 144 7.01 -15.97 4.60
N ASP A 145 6.64 -16.57 3.46
CA ASP A 145 5.22 -16.71 3.12
C ASP A 145 4.51 -17.54 4.14
N SER A 146 5.22 -18.42 4.83
CA SER A 146 4.56 -19.16 5.89
C SER A 146 4.06 -18.26 7.00
N SER A 147 4.89 -17.29 7.39
CA SER A 147 4.44 -16.36 8.42
C SER A 147 3.32 -15.50 7.87
N CYS A 148 3.49 -15.05 6.65
CA CYS A 148 2.49 -14.19 6.02
C CYS A 148 1.13 -14.87 5.94
N LYS A 149 1.12 -16.09 5.41
CA LYS A 149 -0.15 -16.80 5.26
C LYS A 149 -0.72 -17.16 6.60
N SER A 150 0.15 -17.45 7.57
CA SER A 150 -0.35 -17.77 8.91
C SER A 150 -1.06 -16.56 9.51
N ALA A 151 -0.47 -15.39 9.30
CA ALA A 151 -1.05 -14.15 9.82
C ALA A 151 -2.37 -13.80 9.15
N TYR A 152 -2.52 -14.15 7.87
CA TYR A 152 -3.68 -13.76 7.09
C TYR A 152 -4.22 -14.97 6.35
N PRO A 153 -4.85 -15.88 7.08
CA PRO A 153 -5.26 -17.13 6.47
C PRO A 153 -6.19 -16.91 5.31
N GLY A 154 -5.86 -17.54 4.19
CA GLY A 154 -6.71 -17.53 3.03
C GLY A 154 -6.65 -16.24 2.23
N GLN A 155 -5.76 -15.33 2.58
CA GLN A 155 -5.80 -14.01 1.94
C GLN A 155 -4.58 -13.64 1.14
N ILE A 156 -3.51 -14.40 1.30
CA ILE A 156 -2.24 -14.03 0.68
C ILE A 156 -2.12 -14.73 -0.64
N THR A 157 -2.09 -13.96 -1.71
CA THR A 157 -1.96 -14.57 -3.01
C THR A 157 -0.50 -14.54 -3.43
N SER A 158 -0.24 -15.15 -4.58
CA SER A 158 1.11 -15.18 -5.11
C SER A 158 1.59 -13.80 -5.50
N ASN A 159 0.67 -12.83 -5.55
CA ASN A 159 1.04 -11.46 -5.90
C ASN A 159 1.16 -10.56 -4.71
N MET A 160 1.32 -11.18 -3.55
CA MET A 160 1.52 -10.42 -2.30
C MET A 160 2.67 -11.00 -1.53
N PHE A 161 3.26 -10.17 -0.70
CA PHE A 161 4.18 -10.67 0.30
C PHE A 161 4.03 -9.85 1.54
N CYS A 162 4.49 -10.40 2.66
CA CYS A 162 4.52 -9.65 3.91
C CYS A 162 5.93 -9.19 4.14
N ALA A 163 6.05 -8.05 4.84
CA ALA A 163 7.35 -7.56 5.22
C ALA A 163 7.15 -6.85 6.52
N GLY A 164 8.20 -6.77 7.32
CA GLY A 164 8.06 -6.10 8.60
C GLY A 164 8.55 -7.01 9.69
N TYR A 165 7.85 -6.96 10.81
CA TYR A 165 8.33 -7.56 12.03
C TYR A 165 7.18 -8.17 12.75
N LEU A 166 7.29 -9.47 12.98
CA LEU A 166 6.22 -10.16 13.67
C LEU A 166 6.08 -9.67 15.11
N GLU A 167 7.15 -9.14 15.69
CA GLU A 167 7.08 -8.66 17.07
C GLU A 167 6.25 -7.39 17.21
N GLY A 168 5.91 -6.79 16.08
CA GLY A 168 5.12 -5.56 16.10
C GLY A 168 6.00 -4.34 16.24
N GLY A 169 5.38 -3.17 16.13
CA GLY A 169 6.08 -1.94 16.40
C GLY A 169 6.63 -1.21 15.19
N LYS A 170 6.76 -1.91 14.07
CA LYS A 170 7.34 -1.31 12.88
C LYS A 170 6.56 -1.76 11.66
N ASP A 171 5.98 -0.80 10.92
CA ASP A 171 5.10 -1.22 9.83
C ASP A 171 4.72 -0.01 9.00
N SER A 172 4.17 -0.26 7.83
CA SER A 172 3.49 0.79 7.08
C SER A 172 2.08 0.92 7.63
N CYS A 173 1.44 2.03 7.34
CA CYS A 173 0.14 2.29 7.94
C CYS A 173 -0.68 3.16 7.01
N GLN A 174 -1.90 3.49 7.44
CA GLN A 174 -2.81 4.25 6.62
C GLN A 174 -2.13 5.52 6.15
N GLY A 175 -2.23 5.75 4.84
CA GLY A 175 -1.60 6.90 4.20
C GLY A 175 -0.33 6.46 3.49
N ASP A 176 0.16 5.26 3.78
CA ASP A 176 1.35 4.74 3.11
C ASP A 176 1.03 3.94 1.87
N SER A 177 -0.23 3.52 1.73
CA SER A 177 -0.64 2.67 0.59
C SER A 177 -0.12 3.24 -0.70
N GLY A 178 0.24 2.33 -1.59
CA GLY A 178 0.72 2.74 -2.90
C GLY A 178 2.18 3.07 -2.95
N GLY A 179 2.76 3.31 -1.78
CA GLY A 179 4.16 3.69 -1.71
C GLY A 179 5.08 2.52 -1.85
N PRO A 180 6.38 2.83 -1.88
CA PRO A 180 7.41 1.87 -2.23
C PRO A 180 7.90 0.96 -1.12
N VAL A 181 8.22 -0.25 -1.55
CA VAL A 181 9.08 -1.12 -0.80
C VAL A 181 10.25 -1.36 -1.74
N VAL A 182 11.40 -0.78 -1.40
CA VAL A 182 12.55 -0.85 -2.30
C VAL A 182 13.62 -1.72 -1.67
N CYS A 183 14.11 -2.68 -2.45
CA CYS A 183 15.08 -3.61 -1.91
C CYS A 183 16.24 -3.65 -2.88
N SER A 184 17.43 -3.34 -2.37
CA SER A 184 18.63 -3.25 -3.19
C SER A 184 18.33 -2.48 -4.47
N GLY A 185 17.71 -1.33 -4.30
CA GLY A 185 17.52 -0.37 -5.39
C GLY A 185 16.47 -0.74 -6.40
N LYS A 186 15.66 -1.74 -6.09
CA LYS A 186 14.60 -2.13 -6.99
C LYS A 186 13.27 -2.04 -6.26
N LEU A 187 12.25 -1.59 -6.98
CA LEU A 187 10.91 -1.54 -6.43
C LEU A 187 10.32 -2.94 -6.39
N GLN A 188 10.30 -3.54 -5.20
CA GLN A 188 9.78 -4.90 -5.08
C GLN A 188 8.37 -4.93 -4.53
N GLY A 189 7.97 -3.87 -3.84
CA GLY A 189 6.64 -3.92 -3.22
C GLY A 189 5.90 -2.61 -3.32
N ILE A 190 4.58 -2.71 -3.17
CA ILE A 190 3.71 -1.56 -3.03
C ILE A 190 2.95 -1.75 -1.74
N VAL A 191 2.99 -0.75 -0.88
CA VAL A 191 2.22 -0.81 0.36
C VAL A 191 0.76 -1.09 0.02
N SER A 192 0.17 -2.13 0.60
CA SER A 192 -1.18 -2.49 0.22
C SER A 192 -2.14 -2.55 1.40
N TRP A 193 -1.95 -3.50 2.30
CA TRP A 193 -2.92 -3.67 3.37
C TRP A 193 -2.32 -4.40 4.55
N GLY A 194 -3.12 -4.51 5.62
CA GLY A 194 -2.70 -5.28 6.75
C GLY A 194 -3.77 -5.19 7.79
N SER A 195 -3.60 -5.95 8.86
CA SER A 195 -4.50 -5.85 9.97
C SER A 195 -3.93 -4.81 10.90
N GLY A 196 -4.53 -3.64 10.89
CA GLY A 196 -3.99 -2.51 11.62
C GLY A 196 -2.58 -2.21 11.16
N CYS A 197 -1.78 -1.66 12.06
CA CYS A 197 -0.44 -1.28 11.71
C CYS A 197 0.44 -1.60 12.88
N ALA A 198 1.54 -2.29 12.60
CA ALA A 198 2.60 -2.51 13.60
C ALA A 198 2.09 -3.35 14.76
N GLN A 199 1.02 -4.10 14.54
CA GLN A 199 0.55 -4.99 15.59
CA GLN A 199 0.52 -5.01 15.57
C GLN A 199 1.38 -6.25 15.59
N LYS A 200 1.56 -6.82 16.77
CA LYS A 200 2.25 -8.08 16.89
C LYS A 200 1.54 -9.10 16.01
N ASN A 201 2.33 -9.90 15.31
CA ASN A 201 1.83 -11.03 14.53
C ASN A 201 1.02 -10.64 13.31
N LYS A 202 1.04 -9.36 12.95
CA LYS A 202 0.23 -8.88 11.82
CA LYS A 202 0.22 -8.84 11.85
C LYS A 202 1.07 -7.96 10.95
N PRO A 203 1.97 -8.56 10.17
CA PRO A 203 2.87 -7.75 9.37
C PRO A 203 2.13 -7.14 8.19
N GLY A 204 2.74 -6.15 7.57
CA GLY A 204 2.07 -5.48 6.47
C GLY A 204 2.15 -6.40 5.26
N VAL A 205 1.14 -6.25 4.40
CA VAL A 205 1.08 -6.98 3.15
C VAL A 205 1.30 -6.00 2.00
N TYR A 206 2.02 -6.48 1.00
CA TYR A 206 2.52 -5.63 -0.07
C TYR A 206 2.29 -6.31 -1.38
N THR A 207 2.02 -5.52 -2.41
CA THR A 207 1.90 -6.06 -3.76
C THR A 207 3.28 -6.42 -4.26
N LYS A 208 3.36 -7.60 -4.85
CA LYS A 208 4.61 -8.15 -5.31
C LYS A 208 4.91 -7.64 -6.72
N VAL A 209 5.68 -6.57 -6.78
CA VAL A 209 5.89 -5.86 -8.02
C VAL A 209 6.54 -6.71 -9.09
N CYS A 210 7.40 -7.64 -8.68
CA CYS A 210 8.16 -8.39 -9.69
C CYS A 210 7.27 -9.20 -10.60
N ASN A 211 6.04 -9.49 -10.16
CA ASN A 211 5.11 -10.24 -10.99
C ASN A 211 4.48 -9.41 -12.10
N TYR A 212 4.72 -8.10 -12.08
CA TYR A 212 4.02 -7.17 -12.96
C TYR A 212 4.92 -6.42 -13.90
N VAL A 213 6.21 -6.72 -13.87
CA VAL A 213 7.16 -5.93 -14.66
C VAL A 213 6.83 -5.97 -16.16
N SER A 214 6.50 -7.14 -16.70
CA SER A 214 6.14 -7.23 -18.10
C SER A 214 4.91 -6.40 -18.43
N TRP A 215 3.90 -6.49 -17.58
CA TRP A 215 2.67 -5.74 -17.79
C TRP A 215 2.97 -4.25 -17.70
N ILE A 216 3.80 -3.86 -16.74
CA ILE A 216 4.13 -2.45 -16.58
C ILE A 216 4.81 -1.95 -17.84
N LYS A 217 5.78 -2.71 -18.32
CA LYS A 217 6.53 -2.27 -19.51
C LYS A 217 5.64 -2.21 -20.75
N GLN A 218 4.79 -3.22 -20.94
CA GLN A 218 3.88 -3.22 -22.06
C GLN A 218 2.90 -2.06 -21.98
N THR A 219 2.44 -1.80 -20.76
CA THR A 219 1.47 -0.75 -20.56
C THR A 219 2.09 0.61 -20.86
N ILE A 220 3.28 0.84 -20.34
CA ILE A 220 3.95 2.12 -20.56
C ILE A 220 4.25 2.29 -22.05
N ALA A 221 4.55 1.19 -22.73
CA ALA A 221 4.84 1.22 -24.18
C ALA A 221 3.61 1.55 -25.02
N SER A 222 2.43 1.27 -24.50
CA SER A 222 1.21 1.40 -25.29
C SER A 222 0.38 2.57 -24.85
N ASN A 223 0.83 3.28 -23.82
CA ASN A 223 0.00 4.33 -23.27
C ASN A 223 0.80 5.58 -22.98
N PRO B 17 -22.05 -5.47 17.01
CA PRO B 17 -21.32 -6.31 16.08
C PRO B 17 -19.84 -6.31 16.39
N CYS B 18 -19.19 -7.41 16.08
CA CYS B 18 -17.79 -7.53 16.39
C CYS B 18 -17.09 -8.21 15.23
N CYS B 19 -15.78 -8.02 15.18
CA CYS B 19 -14.96 -8.67 14.17
C CYS B 19 -13.62 -9.03 14.78
N ASP B 20 -13.22 -10.29 14.67
CA ASP B 20 -11.90 -10.72 15.17
C ASP B 20 -10.76 -10.48 14.19
N ARG B 21 -11.06 -10.61 12.90
CA ARG B 21 -10.02 -10.47 11.89
C ARG B 21 -10.43 -9.33 11.00
N CYS B 22 -9.85 -8.16 11.25
CA CYS B 22 -10.16 -7.01 10.44
C CYS B 22 -8.93 -6.55 9.72
N GLU B 23 -9.05 -6.36 8.41
CA GLU B 23 -7.90 -5.88 7.67
C GLU B 23 -8.32 -4.68 6.87
N CYS B 24 -7.38 -3.75 6.70
CA CYS B 24 -7.69 -2.53 5.98
C CYS B 24 -6.61 -2.24 4.98
N THR B 25 -7.00 -1.63 3.89
CA THR B 25 -6.00 -1.01 3.03
C THR B 25 -5.35 0.11 3.79
N LYS B 26 -4.17 0.50 3.34
CA LYS B 26 -3.44 1.56 3.99
C LYS B 26 -3.55 2.88 3.26
N SER B 27 -4.75 3.11 2.74
CA SER B 27 -5.07 4.35 2.08
C SER B 27 -5.90 5.23 3.00
N ILE B 28 -6.17 6.44 2.53
CA ILE B 28 -7.09 7.35 3.21
C ILE B 28 -8.23 7.62 2.25
N PRO B 29 -9.46 7.32 2.65
CA PRO B 29 -9.87 6.66 3.89
C PRO B 29 -9.39 5.21 3.90
N PRO B 30 -9.21 4.63 5.08
CA PRO B 30 -8.92 3.21 5.11
C PRO B 30 -10.13 2.49 4.56
N GLN B 31 -9.88 1.40 3.84
CA GLN B 31 -10.97 0.53 3.41
C GLN B 31 -10.77 -0.76 4.14
N CYS B 32 -11.72 -1.08 5.02
CA CYS B 32 -11.55 -2.20 5.92
C CYS B 32 -12.62 -3.21 5.72
N ARG B 33 -12.28 -4.46 5.95
CA ARG B 33 -13.25 -5.53 5.86
C ARG B 33 -13.03 -6.42 7.03
N CYS B 34 -14.12 -7.06 7.47
CA CYS B 34 -14.02 -8.12 8.46
C CYS B 34 -13.86 -9.42 7.71
N SER B 35 -12.77 -10.14 7.93
CA SER B 35 -12.57 -11.41 7.24
C SER B 35 -13.02 -12.62 8.04
N ASP B 36 -13.69 -12.39 9.17
CA ASP B 36 -14.18 -13.51 9.96
C ASP B 36 -15.07 -14.40 9.13
N VAL B 37 -14.84 -15.71 9.24
CA VAL B 37 -15.75 -16.65 8.62
C VAL B 37 -16.49 -17.29 9.78
N ARG B 38 -17.81 -17.30 9.72
CA ARG B 38 -18.59 -17.82 10.82
C ARG B 38 -19.62 -18.74 10.23
N LEU B 39 -20.09 -19.68 11.04
CA LEU B 39 -21.13 -20.58 10.57
C LEU B 39 -22.46 -19.88 10.58
N ASN B 40 -23.11 -19.91 9.42
CA ASN B 40 -24.50 -19.50 9.24
C ASN B 40 -24.85 -18.03 9.33
N SER B 41 -23.91 -17.22 9.83
CA SER B 41 -24.20 -15.82 10.07
C SER B 41 -22.96 -14.98 9.94
N CYS B 42 -23.16 -13.68 9.74
CA CYS B 42 -22.10 -12.70 9.87
C CYS B 42 -22.42 -11.86 11.10
N HIS B 43 -21.55 -10.91 11.41
CA HIS B 43 -21.82 -10.01 12.52
C HIS B 43 -23.11 -9.24 12.28
N SER B 44 -23.69 -8.73 13.36
CA SER B 44 -25.04 -8.20 13.28
C SER B 44 -25.19 -6.92 12.45
N ALA B 45 -24.07 -6.27 12.13
CA ALA B 45 -24.12 -5.03 11.37
C ALA B 45 -23.85 -5.24 9.89
N CYS B 46 -23.69 -6.49 9.49
CA CYS B 46 -23.29 -6.78 8.13
C CYS B 46 -24.40 -6.56 7.14
N LYS B 47 -24.13 -5.78 6.10
CA LYS B 47 -25.11 -5.53 5.05
C LYS B 47 -25.04 -6.54 3.92
N SER B 48 -23.88 -7.14 3.69
CA SER B 48 -23.76 -8.17 2.69
C SER B 48 -23.05 -9.35 3.31
N CYS B 49 -23.83 -10.26 3.87
CA CYS B 49 -23.27 -11.44 4.47
C CYS B 49 -23.27 -12.53 3.40
N ALA B 50 -22.08 -12.83 2.91
CA ALA B 50 -21.90 -13.80 1.85
C ALA B 50 -21.67 -15.17 2.45
N CYS B 51 -22.53 -16.13 2.10
CA CYS B 51 -22.42 -17.46 2.65
C CYS B 51 -22.19 -18.47 1.55
N THR B 52 -21.53 -19.56 1.92
CA THR B 52 -21.47 -20.68 1.03
C THR B 52 -22.86 -21.31 1.00
N PHE B 53 -23.00 -22.31 0.13
CA PHE B 53 -24.19 -23.11 0.06
C PHE B 53 -23.84 -24.50 0.57
N SER B 54 -23.22 -24.54 1.74
N SER B 54 -23.22 -24.54 1.74
CA SER B 54 -22.89 -25.80 2.41
CA SER B 54 -22.90 -25.82 2.40
C SER B 54 -23.71 -25.97 3.69
C SER B 54 -23.72 -25.97 3.68
N ILE B 55 -23.59 -27.13 4.32
CA ILE B 55 -24.24 -27.38 5.61
C ILE B 55 -23.13 -27.76 6.58
N PRO B 56 -22.87 -26.89 7.58
CA PRO B 56 -23.49 -25.59 7.78
C PRO B 56 -22.88 -24.63 6.76
N ALA B 57 -23.48 -23.45 6.63
CA ALA B 57 -22.96 -22.47 5.69
C ALA B 57 -21.80 -21.75 6.37
N GLN B 58 -20.78 -21.42 5.60
CA GLN B 58 -19.71 -20.56 6.10
C GLN B 58 -19.94 -19.20 5.51
N CYS B 59 -19.94 -18.17 6.36
CA CYS B 59 -20.32 -16.85 5.89
C CYS B 59 -19.29 -15.86 6.30
N PHE B 60 -19.12 -14.85 5.46
CA PHE B 60 -18.30 -13.73 5.88
C PHE B 60 -18.89 -12.47 5.34
N CYS B 61 -18.56 -11.38 6.01
CA CYS B 61 -19.18 -10.11 5.68
C CYS B 61 -18.37 -9.42 4.60
N GLY B 62 -19.05 -9.04 3.52
CA GLY B 62 -18.39 -8.37 2.42
C GLY B 62 -18.26 -6.86 2.60
N ASP B 63 -18.87 -6.31 3.65
CA ASP B 63 -18.91 -4.85 3.77
C ASP B 63 -17.53 -4.25 3.84
N ILE B 64 -17.37 -3.13 3.16
CA ILE B 64 -16.15 -2.36 3.25
C ILE B 64 -16.48 -1.07 3.98
N ASN B 65 -15.71 -0.78 5.01
CA ASN B 65 -15.99 0.38 5.83
C ASN B 65 -14.71 1.10 6.15
N ASP B 66 -14.81 2.33 6.65
CA ASP B 66 -13.59 3.06 7.05
C ASP B 66 -13.21 2.80 8.51
N PHE B 67 -13.60 1.64 9.01
CA PHE B 67 -13.34 1.28 10.40
C PHE B 67 -13.39 -0.22 10.53
N CYS B 68 -12.87 -0.72 11.66
CA CYS B 68 -13.08 -2.09 12.06
C CYS B 68 -14.06 -2.15 13.21
N TYR B 69 -14.89 -3.18 13.20
CA TYR B 69 -15.70 -3.46 14.39
C TYR B 69 -14.79 -3.93 15.50
N LYS B 70 -15.24 -3.76 16.75
CA LYS B 70 -14.48 -4.19 17.93
C LYS B 70 -14.27 -5.70 17.88
N PRO B 71 -13.18 -6.20 18.48
CA PRO B 71 -12.98 -7.65 18.52
C PRO B 71 -14.16 -8.36 19.20
N CYS B 72 -14.38 -9.62 18.85
CA CYS B 72 -15.41 -10.45 19.48
C CYS B 72 -14.92 -10.99 20.81
CA CA C . 6.44 20.28 0.56
S SO4 D . -8.48 -12.98 -7.78
O1 SO4 D . -7.39 -12.40 -8.59
O2 SO4 D . -8.37 -12.62 -6.38
O3 SO4 D . -9.72 -12.48 -8.38
O4 SO4 D . -8.41 -14.44 -7.87
S SO4 E . -2.62 21.84 -0.30
O1 SO4 E . -2.66 23.04 0.53
O2 SO4 E . -1.62 20.90 0.23
O3 SO4 E . -3.93 21.22 -0.31
O4 SO4 E . -2.25 22.23 -1.67
S SO4 F . -14.26 -13.25 -5.55
O1 SO4 F . -14.04 -12.03 -6.32
O2 SO4 F . -13.31 -14.28 -5.95
O3 SO4 F . -14.14 -12.98 -4.12
O4 SO4 F . -15.63 -13.75 -5.77
S SO4 G . -3.34 -20.45 1.33
O1 SO4 G . -2.39 -20.33 0.20
O2 SO4 G . -3.96 -19.16 1.67
O3 SO4 G . -4.38 -21.44 1.00
O4 SO4 G . -2.64 -20.87 2.53
C1 PGE H . 10.85 1.80 17.28
O1 PGE H . 11.19 1.70 15.90
C2 PGE H . 9.72 0.83 17.59
O2 PGE H . 10.23 -0.47 17.89
C3 PGE H . 9.61 -1.46 17.09
C4 PGE H . 10.00 -2.86 17.55
O4 PGE H . 13.63 -4.25 14.95
C6 PGE H . 12.26 -4.60 15.21
C5 PGE H . 11.79 -3.92 16.49
O3 PGE H . 10.39 -3.64 16.41
C1 EDO I . 16.58 7.10 2.87
O1 EDO I . 17.70 6.53 2.20
C2 EDO I . 17.00 7.44 4.29
O2 EDO I . 17.43 6.24 4.94
C ACY J . 1.89 3.93 18.89
O ACY J . 0.72 3.57 19.15
OXT ACY J . 2.58 3.47 17.94
CH3 ACY J . 2.51 4.98 19.76
C ACY K . -5.56 9.47 19.03
O ACY K . -4.47 9.23 18.45
OXT ACY K . -6.64 8.87 18.79
CH3 ACY K . -5.59 10.55 20.06
O1 P6G L . -10.84 -16.92 4.26
C2 P6G L . -10.21 -15.64 4.36
C3 P6G L . -11.27 -14.56 4.23
O4 P6G L . -10.83 -13.60 3.27
C5 P6G L . -11.78 -12.55 3.15
C6 P6G L . -11.40 -11.62 2.01
O7 P6G L . -10.06 -11.18 2.22
C8 P6G L . -9.50 -10.61 1.03
C9 P6G L . -8.25 -9.83 1.38
O10 P6G L . -8.65 -8.68 2.11
C11 P6G L . -7.57 -7.81 2.39
C12 P6G L . -8.05 -6.54 3.08
O13 P6G L . -9.04 -5.91 2.30
C14 P6G L . -9.45 -4.65 2.84
C15 P6G L . -10.62 -4.06 2.05
O16 P6G L . -10.17 -3.68 0.76
C17 P6G L . -11.19 -3.06 -0.04
C18 P6G L . -10.63 -2.68 -1.41
O19 P6G L . -11.52 -1.75 -2.05
#